data_5V5I
#
_entry.id   5V5I
#
_cell.length_a   40.167
_cell.length_b   83.222
_cell.length_c   150.886
_cell.angle_alpha   90.00
_cell.angle_beta   90.00
_cell.angle_gamma   90.00
#
_symmetry.space_group_name_H-M   'P 2 21 21'
#
loop_
_entity.id
_entity.type
_entity.pdbx_description
1 polymer 'RNA-directed RNA polymerase L'
2 polymer 'Ubiquitin variant CC.1'
3 water water
#
loop_
_entity_poly.entity_id
_entity_poly.type
_entity_poly.pdbx_seq_one_letter_code
_entity_poly.pdbx_strand_id
1 'polypeptide(L)'
;GPLGSMDFLRSLDWTQVIAGQYVSNPRFNISDYFEIVRQPGDGN(CSX)FYHSIAELTMPNKTDHSYHYIKRLTESAARK
YYQEEPEARLVGLSLEDYLKRMLSDNEWGSTLEASMLAKEMGITIIIWTVAASDEVEAGIKFGDGDVFTAVNLLHSGQTH
FDALRILPQFETDTREAL
;
A,C
2 'polypeptide(L)'
;MAHHHHHHVTSLYKKAGSTDYKDDDDKMQIFVKTLKGHVITLEVEPSDTIENVKAKIQDKEGIPPDQQRLIFALQQLEDG
RTLSDYNIQKESNLHLVLRLGGGRR
;
B,D
#
# COMPACT_ATOMS: atom_id res chain seq x y z
N SER A 5 10.34 19.06 -19.27
CA SER A 5 9.48 18.51 -18.19
C SER A 5 9.08 19.61 -17.19
N MET A 6 9.00 20.85 -17.67
CA MET A 6 8.48 21.93 -16.85
C MET A 6 6.98 22.09 -17.00
N ASP A 7 6.40 21.57 -18.09
CA ASP A 7 4.95 21.42 -18.16
C ASP A 7 4.44 20.39 -17.16
N PHE A 8 5.34 19.60 -16.58
CA PHE A 8 4.96 18.65 -15.54
C PHE A 8 4.83 19.36 -14.18
N LEU A 9 5.69 20.34 -13.93
CA LEU A 9 5.67 21.05 -12.66
C LEU A 9 4.49 22.03 -12.58
N ARG A 10 4.19 22.71 -13.68
CA ARG A 10 3.05 23.61 -13.75
C ARG A 10 1.72 22.85 -13.91
N SER A 11 1.70 21.55 -13.63
CA SER A 11 0.50 20.75 -13.75
C SER A 11 0.28 19.84 -12.55
N LEU A 12 1.10 19.96 -11.50
CA LEU A 12 0.90 19.15 -10.31
C LEU A 12 -0.53 19.26 -9.81
N ASP A 13 -1.06 18.16 -9.30
CA ASP A 13 -2.45 18.06 -8.88
C ASP A 13 -2.49 18.09 -7.36
N TRP A 14 -2.60 19.28 -6.80
CA TRP A 14 -2.67 19.46 -5.35
C TRP A 14 -4.11 19.41 -4.89
N THR A 15 -4.37 18.61 -3.86
CA THR A 15 -5.69 18.51 -3.24
C THR A 15 -5.63 19.23 -1.90
N GLN A 16 -6.47 20.25 -1.74
CA GLN A 16 -6.55 20.98 -0.49
C GLN A 16 -7.37 20.15 0.51
N VAL A 17 -6.70 19.63 1.53
CA VAL A 17 -7.36 18.76 2.50
C VAL A 17 -7.95 19.57 3.65
N ILE A 18 -7.27 20.65 4.06
CA ILE A 18 -7.86 21.69 4.88
C ILE A 18 -7.30 23.02 4.38
N ALA A 19 -8.01 24.10 4.71
CA ALA A 19 -7.63 25.41 4.21
C ALA A 19 -6.15 25.67 4.44
N GLY A 20 -5.43 25.90 3.35
CA GLY A 20 -4.03 26.23 3.41
C GLY A 20 -3.07 25.06 3.30
N GLN A 21 -3.56 23.83 3.44
CA GLN A 21 -2.72 22.63 3.39
C GLN A 21 -3.16 21.77 2.23
N TYR A 22 -2.19 21.31 1.44
CA TYR A 22 -2.47 20.55 0.23
C TYR A 22 -1.67 19.25 0.23
N VAL A 23 -2.17 18.27 -0.52
CA VAL A 23 -1.50 16.99 -0.69
C VAL A 23 -1.40 16.70 -2.18
N SER A 24 -0.32 16.02 -2.57
CA SER A 24 -0.12 15.59 -3.94
C SER A 24 0.54 14.22 -3.94
N ASN A 25 0.33 13.49 -5.04
CA ASN A 25 0.93 12.16 -5.22
C ASN A 25 1.47 12.05 -6.64
N PRO A 26 2.41 12.92 -7.01
CA PRO A 26 2.96 12.88 -8.36
C PRO A 26 3.97 11.74 -8.53
N ARG A 27 4.36 11.51 -9.77
CA ARG A 27 5.30 10.45 -10.12
C ARG A 27 6.52 11.09 -10.77
N PHE A 28 7.57 11.30 -9.98
CA PHE A 28 8.82 11.82 -10.51
C PHE A 28 9.93 11.53 -9.50
N ASN A 29 11.17 11.54 -10.01
CA ASN A 29 12.33 11.42 -9.14
C ASN A 29 12.76 12.80 -8.67
N ILE A 30 13.07 12.91 -7.38
CA ILE A 30 13.46 14.19 -6.81
C ILE A 30 14.64 14.77 -7.58
N SER A 31 15.54 13.92 -8.06
CA SER A 31 16.71 14.36 -8.80
C SER A 31 16.37 14.94 -10.16
N ASP A 32 15.15 14.74 -10.66
CA ASP A 32 14.79 15.24 -11.98
C ASP A 32 14.60 16.75 -11.99
N TYR A 33 14.38 17.37 -10.82
CA TYR A 33 14.11 18.80 -10.77
C TYR A 33 14.80 19.54 -9.64
N PHE A 34 15.37 18.86 -8.65
CA PHE A 34 15.95 19.51 -7.49
C PHE A 34 17.41 19.09 -7.31
N GLU A 35 18.13 19.91 -6.56
CA GLU A 35 19.46 19.57 -6.06
C GLU A 35 19.36 19.33 -4.56
N ILE A 36 19.82 18.16 -4.12
CA ILE A 36 19.79 17.84 -2.70
C ILE A 36 20.97 18.53 -2.03
N VAL A 37 20.68 19.42 -1.08
CA VAL A 37 21.70 20.02 -0.24
C VAL A 37 21.62 19.30 1.10
N ARG A 38 22.52 18.35 1.31
CA ARG A 38 22.45 17.47 2.47
C ARG A 38 22.66 18.23 3.77
N GLN A 39 22.04 17.75 4.83
CA GLN A 39 22.12 18.37 6.13
C GLN A 39 22.51 17.33 7.17
N PRO A 40 23.24 17.73 8.22
CA PRO A 40 23.64 16.77 9.25
C PRO A 40 22.43 16.10 9.90
N GLY A 41 22.55 14.80 10.12
CA GLY A 41 21.54 14.07 10.86
C GLY A 41 21.72 14.24 12.35
N ASP A 42 21.69 15.49 12.82
CA ASP A 42 21.94 15.81 14.22
C ASP A 42 20.66 16.01 15.03
N GLY A 43 19.50 15.82 14.42
CA GLY A 43 18.24 16.10 15.07
C GLY A 43 17.70 17.50 14.86
N ASN A 44 18.48 18.38 14.23
CA ASN A 44 18.02 19.74 13.92
C ASN A 44 17.89 19.93 12.41
N PHE A 46 15.63 19.49 10.17
CA PHE A 46 14.45 20.20 9.67
C PHE A 46 14.77 21.69 9.58
N TYR A 47 15.38 22.21 10.64
CA TYR A 47 15.68 23.64 10.70
C TYR A 47 16.89 24.00 9.87
N HIS A 48 17.90 23.12 9.80
CA HIS A 48 19.00 23.32 8.86
C HIS A 48 18.48 23.51 7.44
N SER A 49 17.55 22.65 7.02
CA SER A 49 17.05 22.70 5.65
C SER A 49 16.39 24.05 5.35
N ILE A 50 15.57 24.54 6.29
CA ILE A 50 14.92 25.83 6.09
C ILE A 50 15.97 26.93 5.98
N ALA A 51 16.90 26.98 6.93
CA ALA A 51 17.96 27.97 6.90
C ALA A 51 18.70 27.94 5.57
N GLU A 52 18.96 26.73 5.05
CA GLU A 52 19.68 26.60 3.79
C GLU A 52 18.97 27.33 2.66
N LEU A 53 17.64 27.39 2.69
CA LEU A 53 16.86 27.96 1.61
C LEU A 53 16.35 29.37 1.91
N THR A 54 16.53 29.87 3.14
CA THR A 54 15.98 31.15 3.54
C THR A 54 17.00 32.12 4.12
N MET A 55 18.13 31.65 4.63
CA MET A 55 19.11 32.52 5.26
C MET A 55 20.37 32.59 4.40
N PRO A 56 20.71 33.73 3.80
CA PRO A 56 21.99 33.84 3.11
C PRO A 56 23.16 33.61 4.06
N ASN A 57 24.26 33.07 3.52
CA ASN A 57 25.46 32.82 4.30
C ASN A 57 25.17 31.86 5.45
N LYS A 58 24.50 30.75 5.12
CA LYS A 58 24.14 29.75 6.12
C LYS A 58 25.40 29.22 6.81
N THR A 59 25.27 28.95 8.10
CA THR A 59 26.29 28.25 8.87
C THR A 59 25.60 27.16 9.69
N ASP A 60 26.41 26.30 10.31
CA ASP A 60 25.86 25.21 11.11
C ASP A 60 25.10 25.69 12.33
N HIS A 61 25.03 27.00 12.58
CA HIS A 61 24.25 27.56 13.67
C HIS A 61 23.02 28.33 13.20
N SER A 62 22.91 28.62 11.90
CA SER A 62 21.81 29.42 11.39
C SER A 62 20.45 28.83 11.74
N TYR A 63 20.38 27.54 12.05
CA TYR A 63 19.09 26.91 12.32
C TYR A 63 18.46 27.42 13.60
N HIS A 64 19.27 27.93 14.54
CA HIS A 64 18.72 28.51 15.76
C HIS A 64 17.75 29.63 15.45
N TYR A 65 17.99 30.38 14.37
CA TYR A 65 17.06 31.44 13.98
C TYR A 65 15.72 30.87 13.57
N ILE A 66 15.71 29.80 12.77
CA ILE A 66 14.45 29.19 12.37
C ILE A 66 13.70 28.70 13.61
N LYS A 67 14.40 28.07 14.54
CA LYS A 67 13.74 27.60 15.76
C LYS A 67 13.11 28.78 16.51
N ARG A 68 13.77 29.93 16.51
CA ARG A 68 13.22 31.09 17.22
C ARG A 68 12.02 31.68 16.48
N LEU A 69 12.06 31.65 15.14
CA LEU A 69 10.86 32.00 14.38
C LEU A 69 9.74 31.00 14.63
N THR A 70 10.10 29.73 14.90
CA THR A 70 9.09 28.75 15.28
C THR A 70 8.49 29.10 16.64
N GLU A 71 9.29 29.67 17.54
CA GLU A 71 8.77 30.09 18.84
C GLU A 71 7.67 31.13 18.68
N SER A 72 7.98 32.24 18.01
CA SER A 72 6.97 33.27 17.80
C SER A 72 5.83 32.75 16.94
N ALA A 73 6.16 31.94 15.93
CA ALA A 73 5.12 31.30 15.13
C ALA A 73 4.18 30.47 16.02
N ALA A 74 4.75 29.79 17.03
CA ALA A 74 3.92 28.99 17.93
C ALA A 74 3.03 29.86 18.80
N ARG A 75 3.56 30.97 19.30
CA ARG A 75 2.76 31.85 20.13
C ARG A 75 1.56 32.40 19.36
N LYS A 76 1.70 32.56 18.04
CA LYS A 76 0.59 33.03 17.22
C LYS A 76 -0.39 31.91 16.91
N TYR A 77 0.12 30.74 16.50
CA TYR A 77 -0.71 29.75 15.81
C TYR A 77 -0.84 28.41 16.51
N TYR A 78 0.03 28.09 17.47
CA TYR A 78 0.10 26.72 17.98
C TYR A 78 -1.26 26.21 18.45
N GLN A 79 -2.01 27.04 19.18
CA GLN A 79 -3.27 26.58 19.77
C GLN A 79 -4.36 26.34 18.74
N GLU A 80 -4.25 26.91 17.54
CA GLU A 80 -5.23 26.72 16.48
C GLU A 80 -4.74 25.76 15.39
N GLU A 81 -3.56 25.18 15.54
CA GLU A 81 -3.02 24.28 14.53
C GLU A 81 -3.65 22.91 14.68
N PRO A 82 -4.33 22.39 13.64
CA PRO A 82 -4.91 21.03 13.77
C PRO A 82 -3.89 19.97 14.14
N GLU A 83 -2.71 19.98 13.52
CA GLU A 83 -1.72 18.96 13.85
C GLU A 83 -1.19 19.10 15.27
N ALA A 84 -1.34 20.28 15.88
CA ALA A 84 -0.94 20.45 17.27
C ALA A 84 -1.80 19.63 18.23
N ARG A 85 -2.99 19.21 17.80
CA ARG A 85 -3.81 18.33 18.62
C ARG A 85 -3.12 17.00 18.90
N LEU A 86 -2.17 16.61 18.05
CA LEU A 86 -1.48 15.34 18.22
C LEU A 86 -0.29 15.44 19.17
N VAL A 87 0.19 16.65 19.45
CA VAL A 87 1.29 16.82 20.41
C VAL A 87 0.78 16.66 21.84
N GLY A 88 -0.39 17.23 22.13
CA GLY A 88 -0.96 17.12 23.46
C GLY A 88 -0.10 17.76 24.53
N LEU A 89 0.34 18.99 24.28
CA LEU A 89 1.13 19.74 25.23
C LEU A 89 0.69 21.20 25.23
N SER A 90 0.80 21.84 26.40
CA SER A 90 0.55 23.27 26.48
C SER A 90 1.56 24.02 25.62
N LEU A 91 1.27 25.29 25.36
CA LEU A 91 2.20 26.12 24.61
C LEU A 91 3.53 26.24 25.33
N GLU A 92 3.51 26.22 26.67
CA GLU A 92 4.75 26.33 27.43
C GLU A 92 5.55 25.04 27.34
N ASP A 93 4.91 23.89 27.56
CA ASP A 93 5.62 22.61 27.47
C ASP A 93 6.13 22.36 26.06
N TYR A 94 5.32 22.68 25.05
CA TYR A 94 5.76 22.51 23.67
C TYR A 94 6.95 23.40 23.36
N LEU A 95 6.90 24.67 23.79
CA LEU A 95 7.98 25.59 23.49
C LEU A 95 9.29 25.13 24.12
N LYS A 96 9.23 24.59 25.34
CA LYS A 96 10.45 24.10 25.97
C LYS A 96 11.05 22.95 25.18
N ARG A 97 10.22 21.94 24.86
CA ARG A 97 10.70 20.80 24.10
C ARG A 97 11.20 21.21 22.73
N MET A 98 10.43 22.05 22.03
CA MET A 98 10.81 22.47 20.68
C MET A 98 12.17 23.17 20.69
N LEU A 99 12.38 24.08 21.65
CA LEU A 99 13.62 24.84 21.70
C LEU A 99 14.80 24.05 22.23
N SER A 100 14.58 22.85 22.77
CA SER A 100 15.67 22.08 23.33
C SER A 100 16.60 21.59 22.23
N ASP A 101 17.86 21.38 22.59
CA ASP A 101 18.87 20.96 21.62
C ASP A 101 18.50 19.61 21.01
N ASN A 102 18.72 19.50 19.70
CA ASN A 102 18.60 18.23 18.99
C ASN A 102 17.18 17.68 19.01
N GLU A 103 16.20 18.50 19.36
CA GLU A 103 14.80 18.12 19.22
C GLU A 103 14.38 18.37 17.77
N TRP A 104 13.73 17.37 17.18
CA TRP A 104 13.53 17.33 15.73
C TRP A 104 12.21 17.98 15.35
N GLY A 105 12.21 18.67 14.20
CA GLY A 105 11.04 19.34 13.70
C GLY A 105 10.10 18.38 12.99
N SER A 106 9.00 18.93 12.49
CA SER A 106 7.96 18.12 11.88
C SER A 106 7.06 19.01 11.02
N THR A 107 6.00 18.40 10.48
CA THR A 107 5.05 19.13 9.65
C THR A 107 4.32 20.20 10.46
N LEU A 108 4.15 19.98 11.77
CA LEU A 108 3.53 21.01 12.60
C LEU A 108 4.31 22.31 12.53
N GLU A 109 5.64 22.23 12.59
CA GLU A 109 6.46 23.44 12.52
C GLU A 109 6.47 24.03 11.12
N ALA A 110 6.38 23.18 10.08
CA ALA A 110 6.32 23.69 8.72
C ALA A 110 5.08 24.56 8.52
N SER A 111 3.93 24.12 9.04
CA SER A 111 2.70 24.90 8.86
C SER A 111 2.81 26.25 9.55
N MET A 112 3.27 26.26 10.80
CA MET A 112 3.36 27.50 11.54
C MET A 112 4.40 28.45 10.95
N LEU A 113 5.53 27.91 10.49
CA LEU A 113 6.56 28.74 9.90
C LEU A 113 6.11 29.31 8.56
N ALA A 114 5.35 28.54 7.78
CA ALA A 114 4.80 29.06 6.54
C ALA A 114 4.04 30.35 6.79
N LYS A 115 3.20 30.37 7.83
CA LYS A 115 2.47 31.58 8.18
C LYS A 115 3.41 32.67 8.68
N GLU A 116 4.25 32.34 9.66
CA GLU A 116 5.15 33.32 10.26
C GLU A 116 6.02 33.99 9.19
N MET A 117 6.55 33.21 8.25
CA MET A 117 7.48 33.73 7.26
C MET A 117 6.79 34.27 6.02
N GLY A 118 5.51 33.98 5.83
CA GLY A 118 4.84 34.38 4.60
C GLY A 118 5.37 33.66 3.38
N ILE A 119 5.67 32.37 3.52
CA ILE A 119 6.21 31.56 2.43
C ILE A 119 5.34 30.32 2.27
N THR A 120 5.60 29.59 1.19
CA THR A 120 5.02 28.27 0.98
C THR A 120 6.12 27.23 1.19
N ILE A 121 5.81 26.20 1.97
CA ILE A 121 6.75 25.11 2.26
C ILE A 121 6.13 23.82 1.75
N ILE A 122 6.93 23.02 1.04
CA ILE A 122 6.52 21.72 0.55
C ILE A 122 7.50 20.69 1.10
N ILE A 123 6.98 19.65 1.73
CA ILE A 123 7.77 18.52 2.21
C ILE A 123 7.50 17.35 1.29
N TRP A 124 8.49 17.02 0.46
CA TRP A 124 8.42 15.85 -0.40
C TRP A 124 8.93 14.64 0.37
N THR A 125 8.11 13.60 0.45
CA THR A 125 8.47 12.37 1.14
C THR A 125 8.87 11.32 0.12
N VAL A 126 10.00 10.65 0.37
CA VAL A 126 10.50 9.60 -0.51
C VAL A 126 10.72 8.34 0.33
N ALA A 127 10.84 7.21 -0.37
CA ALA A 127 11.11 5.92 0.27
C ALA A 127 12.41 5.37 -0.32
N ALA A 128 13.54 5.74 0.29
CA ALA A 128 14.83 5.16 -0.03
C ALA A 128 15.35 5.61 -1.38
N SER A 129 14.69 5.20 -2.46
CA SER A 129 15.14 5.48 -3.82
C SER A 129 14.99 6.94 -4.23
N ASP A 130 14.63 7.85 -3.33
CA ASP A 130 14.34 9.25 -3.68
C ASP A 130 13.24 9.34 -4.75
N GLU A 131 12.41 8.30 -4.87
CA GLU A 131 11.21 8.36 -5.68
C GLU A 131 10.09 8.91 -4.81
N VAL A 132 9.49 10.02 -5.24
CA VAL A 132 8.56 10.74 -4.39
C VAL A 132 7.30 9.90 -4.19
N GLU A 133 6.93 9.72 -2.92
CA GLU A 133 5.67 9.05 -2.59
C GLU A 133 4.52 10.04 -2.51
N ALA A 134 4.78 11.25 -2.02
CA ALA A 134 3.73 12.23 -1.80
C ALA A 134 4.36 13.58 -1.49
N GLY A 135 3.53 14.62 -1.50
CA GLY A 135 3.96 15.94 -1.14
C GLY A 135 2.91 16.66 -0.31
N ILE A 136 3.34 17.34 0.74
CA ILE A 136 2.45 18.11 1.61
C ILE A 136 2.88 19.56 1.52
N LYS A 137 1.97 20.42 1.08
CA LYS A 137 2.25 21.82 0.87
C LYS A 137 1.51 22.66 1.91
N PHE A 138 2.25 23.55 2.57
CA PHE A 138 1.69 24.47 3.56
C PHE A 138 1.81 25.88 3.00
N GLY A 139 0.68 26.44 2.60
CA GLY A 139 0.65 27.70 1.88
C GLY A 139 0.12 27.53 0.47
N ASP A 140 -0.20 28.65 -0.14
CA ASP A 140 -0.88 28.68 -1.44
C ASP A 140 0.06 28.85 -2.61
N GLY A 141 1.36 28.99 -2.38
CA GLY A 141 2.31 29.11 -3.46
C GLY A 141 2.44 27.83 -4.25
N ASP A 142 3.32 27.87 -5.25
CA ASP A 142 3.57 26.72 -6.11
C ASP A 142 4.96 26.16 -5.83
N VAL A 143 5.41 25.24 -6.69
CA VAL A 143 6.67 24.54 -6.44
C VAL A 143 7.86 25.42 -6.71
N PHE A 144 7.73 26.41 -7.62
CA PHE A 144 8.86 27.25 -7.97
C PHE A 144 9.16 28.31 -6.92
N THR A 145 8.13 28.75 -6.19
CA THR A 145 8.28 29.82 -5.20
C THR A 145 8.47 29.30 -3.79
N ALA A 146 8.29 28.01 -3.57
CA ALA A 146 8.22 27.46 -2.21
C ALA A 146 9.59 27.04 -1.71
N VAL A 147 9.66 26.83 -0.40
CA VAL A 147 10.80 26.19 0.24
C VAL A 147 10.56 24.68 0.19
N ASN A 148 11.28 24.00 -0.70
CA ASN A 148 11.08 22.57 -0.90
C ASN A 148 12.00 21.78 0.02
N LEU A 149 11.40 20.96 0.89
CA LEU A 149 12.15 20.07 1.77
C LEU A 149 12.02 18.63 1.28
N LEU A 150 13.01 17.82 1.62
CA LEU A 150 13.02 16.39 1.33
C LEU A 150 12.98 15.63 2.64
N HIS A 151 11.95 14.82 2.83
CA HIS A 151 11.82 13.96 4.00
C HIS A 151 12.10 12.53 3.60
N SER A 152 13.02 11.88 4.31
CA SER A 152 13.48 10.54 3.97
C SER A 152 13.56 9.70 5.23
N GLY A 153 13.25 8.42 5.08
CA GLY A 153 13.34 7.49 6.20
C GLY A 153 12.41 7.92 7.32
N GLN A 154 12.96 8.00 8.53
CA GLN A 154 12.17 8.31 9.72
C GLN A 154 11.98 9.81 9.88
N THR A 155 13.01 10.52 10.35
CA THR A 155 12.88 11.92 10.76
C THR A 155 13.87 12.84 10.04
N HIS A 156 14.62 12.34 9.06
CA HIS A 156 15.65 13.16 8.45
C HIS A 156 15.06 14.12 7.43
N PHE A 157 15.63 15.33 7.39
CA PHE A 157 15.23 16.36 6.44
C PHE A 157 16.46 16.87 5.70
N ASP A 158 16.30 17.15 4.40
CA ASP A 158 17.33 17.78 3.59
C ASP A 158 16.69 18.91 2.79
N ALA A 159 17.54 19.82 2.32
CA ALA A 159 17.07 20.96 1.55
C ALA A 159 17.09 20.62 0.06
N LEU A 160 16.15 21.20 -0.67
CA LEU A 160 16.03 21.01 -2.11
C LEU A 160 16.11 22.37 -2.81
N ARG A 161 16.88 22.42 -3.88
CA ARG A 161 16.98 23.62 -4.72
C ARG A 161 16.51 23.25 -6.12
N ILE A 162 15.42 23.87 -6.56
CA ILE A 162 14.95 23.66 -7.93
C ILE A 162 16.05 24.06 -8.89
N LEU A 163 16.31 23.19 -9.87
CA LEU A 163 17.47 23.35 -10.73
C LEU A 163 17.33 24.58 -11.62
N PRO A 164 18.46 25.12 -12.11
CA PRO A 164 18.39 26.38 -12.87
C PRO A 164 17.55 26.30 -14.13
N GLN A 165 17.37 25.10 -14.70
CA GLN A 165 16.65 24.95 -15.96
C GLN A 165 15.14 24.88 -15.78
N PHE A 166 14.64 24.87 -14.55
CA PHE A 166 13.21 24.83 -14.30
C PHE A 166 12.75 26.06 -13.53
N MET B 28 -21.15 -0.14 7.68
CA MET B 28 -20.92 0.27 6.26
C MET B 28 -19.43 0.30 5.94
N GLN B 29 -19.09 0.57 4.69
CA GLN B 29 -17.72 0.70 4.24
C GLN B 29 -17.41 2.17 3.97
N ILE B 30 -16.26 2.63 4.45
CA ILE B 30 -15.77 3.96 4.15
C ILE B 30 -14.38 3.85 3.55
N PHE B 31 -14.05 4.80 2.68
CA PHE B 31 -12.76 4.81 2.01
C PHE B 31 -11.82 5.81 2.69
N VAL B 32 -10.57 5.40 2.87
CA VAL B 32 -9.52 6.29 3.36
C VAL B 32 -8.43 6.34 2.31
N LYS B 33 -8.21 7.52 1.72
CA LYS B 33 -7.12 7.73 0.80
C LYS B 33 -5.86 8.03 1.61
N THR B 34 -4.92 7.09 1.60
CA THR B 34 -3.71 7.24 2.39
C THR B 34 -2.79 8.29 1.77
N LEU B 35 -1.73 8.64 2.51
CA LEU B 35 -0.80 9.65 2.03
C LEU B 35 -0.03 9.15 0.80
N LYS B 36 0.39 7.88 0.82
CA LYS B 36 1.13 7.32 -0.31
C LYS B 36 0.35 7.40 -1.61
N GLY B 37 -0.98 7.48 -1.56
CA GLY B 37 -1.78 7.64 -2.75
C GLY B 37 -2.89 6.61 -2.91
N HIS B 38 -2.64 5.38 -2.47
CA HIS B 38 -3.62 4.32 -2.63
C HIS B 38 -4.76 4.48 -1.64
N VAL B 39 -5.89 3.87 -1.98
CA VAL B 39 -7.12 3.96 -1.18
C VAL B 39 -7.36 2.61 -0.53
N ILE B 40 -7.80 2.63 0.73
CA ILE B 40 -8.13 1.43 1.46
C ILE B 40 -9.60 1.47 1.87
N THR B 41 -10.10 0.33 2.33
CA THR B 41 -11.47 0.19 2.80
C THR B 41 -11.48 -0.14 4.28
N LEU B 42 -12.51 0.36 4.97
CA LEU B 42 -12.68 0.09 6.39
C LEU B 42 -14.15 -0.19 6.67
N GLU B 43 -14.40 -1.22 7.48
CA GLU B 43 -15.75 -1.57 7.92
C GLU B 43 -15.98 -0.94 9.29
N VAL B 44 -16.92 0.01 9.34
CA VAL B 44 -17.18 0.77 10.56
C VAL B 44 -18.66 1.08 10.66
N GLU B 45 -19.11 1.33 11.89
CA GLU B 45 -20.45 1.83 12.13
C GLU B 45 -20.37 3.28 12.63
N PRO B 46 -21.43 4.07 12.41
CA PRO B 46 -21.37 5.48 12.83
C PRO B 46 -21.01 5.66 14.29
N SER B 47 -21.22 4.63 15.11
CA SER B 47 -20.90 4.69 16.53
C SER B 47 -19.42 4.48 16.82
N ASP B 48 -18.59 4.38 15.79
CA ASP B 48 -17.15 4.19 16.00
C ASP B 48 -16.47 5.52 16.32
N THR B 49 -15.52 5.48 17.24
CA THR B 49 -14.76 6.66 17.60
C THR B 49 -13.65 6.91 16.58
N ILE B 50 -13.25 8.18 16.47
CA ILE B 50 -12.09 8.50 15.64
C ILE B 50 -10.88 7.69 16.10
N GLU B 51 -10.70 7.56 17.42
CA GLU B 51 -9.63 6.71 17.93
C GLU B 51 -9.80 5.27 17.45
N ASN B 52 -11.03 4.79 17.37
CA ASN B 52 -11.28 3.44 16.89
C ASN B 52 -10.86 3.30 15.43
N VAL B 53 -11.32 4.22 14.57
CA VAL B 53 -10.97 4.17 13.16
C VAL B 53 -9.46 4.19 12.99
N LYS B 54 -8.78 5.07 13.74
CA LYS B 54 -7.32 5.12 13.66
C LYS B 54 -6.70 3.77 13.97
N ALA B 55 -7.28 3.03 14.93
CA ALA B 55 -6.80 1.69 15.23
C ALA B 55 -7.03 0.74 14.06
N LYS B 56 -8.11 0.93 13.31
CA LYS B 56 -8.34 0.13 12.12
C LYS B 56 -7.27 0.41 11.08
N ILE B 57 -6.98 1.69 10.83
CA ILE B 57 -5.92 2.06 9.90
C ILE B 57 -4.59 1.51 10.36
N GLN B 58 -4.30 1.62 11.66
CA GLN B 58 -3.04 1.08 12.18
C GLN B 58 -2.93 -0.42 11.91
N ASP B 59 -4.04 -1.14 12.02
CA ASP B 59 -4.02 -2.58 11.74
C ASP B 59 -3.69 -2.85 10.28
N LYS B 60 -4.33 -2.11 9.37
CA LYS B 60 -4.16 -2.37 7.94
C LYS B 60 -2.82 -1.85 7.43
N GLU B 61 -2.40 -0.66 7.89
CA GLU B 61 -1.23 0.02 7.33
C GLU B 61 -0.03 0.03 8.24
N GLY B 62 -0.18 -0.31 9.52
CA GLY B 62 0.94 -0.25 10.44
C GLY B 62 1.39 1.14 10.78
N ILE B 63 0.48 2.10 10.79
CA ILE B 63 0.78 3.49 11.10
C ILE B 63 0.33 3.76 12.54
N PRO B 64 1.23 4.15 13.44
CA PRO B 64 0.79 4.46 14.81
C PRO B 64 -0.21 5.61 14.81
N PRO B 65 -1.32 5.49 15.56
CA PRO B 65 -2.35 6.55 15.52
C PRO B 65 -1.81 7.93 15.86
N ASP B 66 -0.67 7.96 16.56
CA ASP B 66 -0.05 9.23 16.91
C ASP B 66 0.37 10.02 15.67
N GLN B 67 0.57 9.35 14.54
CA GLN B 67 1.01 10.01 13.32
C GLN B 67 -0.13 10.31 12.35
N GLN B 68 -1.33 9.84 12.62
CA GLN B 68 -2.43 9.91 11.67
C GLN B 68 -3.21 11.22 11.84
N ARG B 69 -3.50 11.88 10.73
CA ARG B 69 -4.40 13.03 10.69
C ARG B 69 -5.57 12.66 9.78
N LEU B 70 -6.68 12.25 10.37
CA LEU B 70 -7.87 11.92 9.59
C LEU B 70 -8.63 13.18 9.25
N ILE B 71 -8.88 13.39 7.96
CA ILE B 71 -9.49 14.61 7.44
C ILE B 71 -10.75 14.26 6.68
N PHE B 72 -11.80 15.07 6.86
CA PHE B 72 -13.03 14.90 6.11
C PHE B 72 -13.76 16.24 6.07
N ALA B 73 -14.23 16.62 4.89
CA ALA B 73 -14.97 17.87 4.70
C ALA B 73 -14.16 19.07 5.17
N LEU B 74 -12.87 19.08 4.81
CA LEU B 74 -11.97 20.19 5.13
C LEU B 74 -11.84 20.38 6.65
N GLN B 75 -11.92 19.30 7.40
CA GLN B 75 -11.77 19.33 8.85
C GLN B 75 -10.96 18.13 9.31
N GLN B 76 -9.92 18.39 10.10
CA GLN B 76 -9.20 17.30 10.76
C GLN B 76 -10.04 16.78 11.92
N LEU B 77 -10.37 15.51 11.88
CA LEU B 77 -11.30 14.92 12.84
C LEU B 77 -10.62 14.72 14.19
N GLU B 78 -11.40 14.85 15.26
CA GLU B 78 -10.89 14.86 16.62
C GLU B 78 -11.19 13.53 17.31
N ASP B 79 -10.27 13.14 18.20
CA ASP B 79 -10.31 11.80 18.79
C ASP B 79 -11.66 11.52 19.46
N GLY B 80 -12.02 12.32 20.45
CA GLY B 80 -13.17 11.99 21.28
C GLY B 80 -14.45 11.77 20.51
N ARG B 81 -14.60 12.44 19.37
CA ARG B 81 -15.85 12.38 18.63
C ARG B 81 -15.94 11.09 17.81
N THR B 82 -17.10 10.88 17.20
CA THR B 82 -17.37 9.69 16.41
C THR B 82 -17.70 10.09 14.98
N LEU B 83 -17.86 9.07 14.12
CA LEU B 83 -18.16 9.32 12.72
C LEU B 83 -19.54 9.97 12.55
N SER B 84 -20.48 9.66 13.44
CA SER B 84 -21.81 10.26 13.33
C SER B 84 -21.79 11.72 13.75
N ASP B 85 -20.87 12.11 14.64
CA ASP B 85 -20.68 13.52 14.94
C ASP B 85 -20.25 14.31 13.72
N TYR B 86 -19.74 13.64 12.68
CA TYR B 86 -19.29 14.29 11.46
C TYR B 86 -20.12 13.91 10.25
N ASN B 87 -21.12 13.03 10.40
CA ASN B 87 -22.02 12.67 9.31
C ASN B 87 -21.26 12.02 8.15
N ILE B 88 -20.39 11.07 8.50
CA ILE B 88 -19.64 10.29 7.52
C ILE B 88 -20.49 9.09 7.16
N GLN B 89 -21.05 9.09 5.95
CA GLN B 89 -22.05 8.10 5.57
C GLN B 89 -21.46 7.07 4.61
N LYS B 90 -22.32 6.20 4.09
CA LYS B 90 -21.92 5.06 3.27
C LYS B 90 -20.99 5.47 2.14
N GLU B 91 -19.79 4.90 2.13
CA GLU B 91 -18.82 5.08 1.04
C GLU B 91 -18.30 6.51 0.98
N SER B 92 -18.10 7.12 2.15
CA SER B 92 -17.46 8.43 2.22
C SER B 92 -15.95 8.29 2.00
N ASN B 93 -15.36 9.34 1.45
CA ASN B 93 -13.94 9.38 1.14
C ASN B 93 -13.23 10.26 2.17
N LEU B 94 -12.41 9.63 3.02
CA LEU B 94 -11.62 10.34 4.01
C LEU B 94 -10.17 10.43 3.57
N HIS B 95 -9.48 11.42 4.10
CA HIS B 95 -8.06 11.64 3.83
C HIS B 95 -7.23 11.30 5.05
N LEU B 96 -6.14 10.58 4.84
CA LEU B 96 -5.14 10.31 5.87
C LEU B 96 -3.87 11.07 5.51
N VAL B 97 -3.57 12.12 6.27
CA VAL B 97 -2.34 12.86 6.14
C VAL B 97 -1.45 12.51 7.33
N LEU B 98 -0.19 12.22 7.06
CA LEU B 98 0.72 11.78 8.11
C LEU B 98 1.49 12.94 8.69
N ARG B 99 1.71 12.87 10.01
CA ARG B 99 2.58 13.80 10.72
C ARG B 99 4.02 13.37 10.48
N LEU B 100 4.75 14.12 9.66
CA LEU B 100 6.10 13.79 9.26
C LEU B 100 7.10 14.51 10.15
N GLY B 101 8.14 13.77 10.56
CA GLY B 101 9.12 14.29 11.49
C GLY B 101 8.78 13.94 12.91
N GLY B 102 9.78 13.48 13.67
CA GLY B 102 9.54 13.04 15.04
C GLY B 102 8.87 14.08 15.90
N MET C 6 -1.45 -16.59 18.93
CA MET C 6 -2.35 -17.64 18.38
C MET C 6 -3.67 -17.04 17.91
N ASP C 7 -4.20 -16.10 18.69
CA ASP C 7 -5.47 -15.48 18.34
C ASP C 7 -5.44 -14.85 16.96
N PHE C 8 -4.26 -14.41 16.51
CA PHE C 8 -4.16 -13.78 15.19
C PHE C 8 -4.40 -14.79 14.09
N LEU C 9 -3.65 -15.90 14.09
CA LEU C 9 -3.85 -16.92 13.07
C LEU C 9 -5.27 -17.47 13.11
N ARG C 10 -5.85 -17.59 14.32
CA ARG C 10 -7.19 -18.13 14.46
C ARG C 10 -8.27 -17.23 13.89
N SER C 11 -7.94 -16.00 13.49
CA SER C 11 -8.94 -15.02 13.11
C SER C 11 -8.70 -14.39 11.74
N LEU C 12 -7.84 -14.98 10.91
CA LEU C 12 -7.69 -14.50 9.54
C LEU C 12 -9.06 -14.44 8.87
N ASP C 13 -9.38 -13.26 8.33
CA ASP C 13 -10.67 -13.04 7.69
C ASP C 13 -10.53 -13.38 6.21
N TRP C 14 -11.03 -14.56 5.83
CA TRP C 14 -10.97 -15.01 4.44
C TRP C 14 -12.25 -14.63 3.71
N THR C 15 -12.09 -14.09 2.51
CA THR C 15 -13.21 -13.72 1.65
C THR C 15 -13.21 -14.67 0.45
N GLN C 16 -14.24 -15.50 0.33
CA GLN C 16 -14.36 -16.41 -0.78
C GLN C 16 -14.77 -15.62 -2.01
N VAL C 17 -13.81 -15.31 -2.88
CA VAL C 17 -14.11 -14.59 -4.11
C VAL C 17 -14.71 -15.53 -5.15
N ILE C 18 -14.33 -16.81 -5.12
CA ILE C 18 -14.85 -17.82 -6.02
C ILE C 18 -14.97 -19.12 -5.25
N ALA C 19 -15.86 -19.99 -5.71
CA ALA C 19 -16.04 -21.29 -5.09
C ALA C 19 -14.71 -22.01 -4.95
N GLY C 20 -14.25 -22.21 -3.72
CA GLY C 20 -13.01 -22.90 -3.46
C GLY C 20 -11.78 -22.02 -3.42
N GLN C 21 -11.91 -20.72 -3.62
CA GLN C 21 -10.77 -19.81 -3.62
C GLN C 21 -11.09 -18.61 -2.73
N TYR C 22 -10.26 -18.40 -1.72
CA TYR C 22 -10.42 -17.31 -0.76
C TYR C 22 -9.22 -16.37 -0.87
N VAL C 23 -9.45 -15.11 -0.47
CA VAL C 23 -8.41 -14.09 -0.45
C VAL C 23 -8.44 -13.39 0.90
N SER C 24 -7.26 -13.01 1.40
CA SER C 24 -7.14 -12.29 2.65
C SER C 24 -6.06 -11.24 2.49
N ASN C 25 -6.09 -10.23 3.38
CA ASN C 25 -5.12 -9.15 3.36
C ASN C 25 -4.66 -8.86 4.80
N PRO C 26 -4.08 -9.85 5.47
CA PRO C 26 -3.54 -9.59 6.80
C PRO C 26 -2.24 -8.80 6.70
N ARG C 27 -1.74 -8.39 7.86
CA ARG C 27 -0.49 -7.61 7.94
C ARG C 27 0.38 -8.25 9.01
N PHE C 28 1.41 -8.97 8.58
CA PHE C 28 2.33 -9.59 9.53
C PHE C 28 3.60 -9.98 8.81
N ASN C 29 4.70 -9.97 9.54
CA ASN C 29 5.95 -10.50 9.01
C ASN C 29 5.89 -12.02 8.98
N ILE C 30 6.18 -12.61 7.82
CA ILE C 30 6.07 -14.05 7.68
C ILE C 30 6.90 -14.76 8.74
N SER C 31 7.97 -14.12 9.22
CA SER C 31 8.81 -14.73 10.24
C SER C 31 8.13 -14.80 11.60
N ASP C 32 7.10 -13.98 11.83
CA ASP C 32 6.43 -13.97 13.12
C ASP C 32 5.83 -15.33 13.44
N TYR C 33 5.29 -16.02 12.44
CA TYR C 33 4.56 -17.25 12.66
C TYR C 33 5.09 -18.46 11.92
N PHE C 34 5.82 -18.27 10.82
CA PHE C 34 6.29 -19.38 10.01
C PHE C 34 7.81 -19.46 10.03
N GLU C 35 8.30 -20.67 9.77
CA GLU C 35 9.69 -20.91 9.40
C GLU C 35 9.74 -21.00 7.88
N ILE C 36 10.70 -20.28 7.28
CA ILE C 36 10.89 -20.31 5.83
C ILE C 36 11.91 -21.39 5.51
N VAL C 37 11.51 -22.37 4.71
CA VAL C 37 12.42 -23.40 4.22
C VAL C 37 12.75 -23.06 2.77
N ARG C 38 13.95 -22.54 2.55
CA ARG C 38 14.31 -21.99 1.25
C ARG C 38 14.49 -23.08 0.22
N GLN C 39 14.10 -22.78 -1.02
CA GLN C 39 14.20 -23.70 -2.15
C GLN C 39 15.00 -23.07 -3.27
N PRO C 40 15.66 -23.87 -4.11
CA PRO C 40 16.47 -23.30 -5.19
C PRO C 40 15.60 -22.59 -6.22
N GLY C 41 16.06 -21.42 -6.66
CA GLY C 41 15.38 -20.68 -7.70
C GLY C 41 15.71 -21.22 -9.08
N ASP C 42 15.22 -22.42 -9.38
CA ASP C 42 15.55 -23.12 -10.61
C ASP C 42 14.36 -23.22 -11.57
N GLY C 43 13.26 -22.54 -11.29
CA GLY C 43 12.07 -22.66 -12.10
C GLY C 43 11.16 -23.80 -11.70
N ASN C 44 11.51 -24.56 -10.67
CA ASN C 44 10.66 -25.61 -10.14
C ASN C 44 10.38 -25.35 -8.67
N PHE C 46 8.24 -23.81 -7.06
CA PHE C 46 6.85 -24.04 -6.68
C PHE C 46 6.66 -25.50 -6.30
N TYR C 47 7.19 -26.39 -7.14
CA TYR C 47 7.06 -27.82 -6.90
C TYR C 47 8.01 -28.30 -5.80
N HIS C 48 9.20 -27.69 -5.69
CA HIS C 48 10.06 -27.98 -4.55
C HIS C 48 9.35 -27.69 -3.24
N SER C 49 8.65 -26.55 -3.16
CA SER C 49 8.05 -26.12 -1.91
C SER C 49 6.93 -27.08 -1.49
N ILE C 50 6.05 -27.44 -2.42
CA ILE C 50 5.02 -28.43 -2.13
C ILE C 50 5.68 -29.70 -1.60
N ALA C 51 6.68 -30.20 -2.32
CA ALA C 51 7.38 -31.41 -1.90
C ALA C 51 7.89 -31.29 -0.48
N GLU C 52 8.49 -30.14 -0.14
CA GLU C 52 9.07 -29.96 1.19
C GLU C 52 8.03 -30.18 2.29
N LEU C 53 6.75 -29.93 2.00
CA LEU C 53 5.71 -29.98 3.01
C LEU C 53 4.80 -31.19 2.87
N THR C 54 4.95 -32.00 1.82
CA THR C 54 4.10 -33.17 1.60
C THR C 54 4.86 -34.47 1.45
N MET C 55 6.15 -34.43 1.12
CA MET C 55 6.91 -35.65 0.84
C MET C 55 8.01 -35.82 1.89
N PRO C 56 7.90 -36.79 2.80
CA PRO C 56 9.02 -37.06 3.70
C PRO C 56 10.23 -37.56 2.93
N ASN C 57 11.41 -37.33 3.49
CA ASN C 57 12.66 -37.71 2.84
C ASN C 57 12.82 -36.96 1.51
N LYS C 58 12.54 -35.67 1.54
CA LYS C 58 12.60 -34.88 0.31
C LYS C 58 14.03 -34.86 -0.24
N THR C 59 14.12 -34.77 -1.56
CA THR C 59 15.38 -34.59 -2.25
C THR C 59 15.16 -33.54 -3.33
N ASP C 60 16.26 -33.15 -4.00
CA ASP C 60 16.17 -32.17 -5.07
C ASP C 60 15.46 -32.71 -6.31
N HIS C 61 15.03 -33.97 -6.30
CA HIS C 61 14.25 -34.54 -7.38
C HIS C 61 12.80 -34.83 -6.99
N SER C 62 12.44 -34.69 -5.71
CA SER C 62 11.09 -35.01 -5.28
C SER C 62 10.04 -34.14 -5.98
N TYR C 63 10.42 -32.97 -6.46
CA TYR C 63 9.46 -32.09 -7.11
C TYR C 63 8.84 -32.72 -8.35
N HIS C 64 9.51 -33.71 -8.95
CA HIS C 64 8.95 -34.35 -10.14
C HIS C 64 7.64 -35.06 -9.83
N TYR C 65 7.51 -35.63 -8.64
CA TYR C 65 6.25 -36.27 -8.26
C TYR C 65 5.12 -35.25 -8.18
N ILE C 66 5.41 -34.05 -7.68
CA ILE C 66 4.39 -33.01 -7.60
C ILE C 66 3.94 -32.61 -9.00
N LYS C 67 4.89 -32.47 -9.93
CA LYS C 67 4.52 -32.12 -11.30
C LYS C 67 3.68 -33.21 -11.95
N ARG C 68 3.85 -34.47 -11.53
CA ARG C 68 3.03 -35.54 -12.08
C ARG C 68 1.65 -35.59 -11.45
N LEU C 69 1.52 -35.21 -10.18
CA LEU C 69 0.20 -35.00 -9.60
C LEU C 69 -0.47 -33.79 -10.25
N THR C 70 0.31 -32.81 -10.70
CA THR C 70 -0.25 -31.70 -11.45
C THR C 70 -0.74 -32.15 -12.83
N GLU C 71 -0.10 -33.17 -13.41
CA GLU C 71 -0.59 -33.74 -14.66
C GLU C 71 -1.92 -34.46 -14.44
N SER C 72 -1.96 -35.39 -13.48
CA SER C 72 -3.21 -36.05 -13.13
C SER C 72 -4.29 -35.03 -12.82
N ALA C 73 -3.93 -34.03 -12.01
CA ALA C 73 -4.89 -32.98 -11.65
C ALA C 73 -5.41 -32.25 -12.88
N ALA C 74 -4.51 -31.90 -13.80
CA ALA C 74 -4.90 -31.11 -14.97
C ALA C 74 -5.88 -31.86 -15.85
N ARG C 75 -5.68 -33.17 -16.03
CA ARG C 75 -6.60 -33.95 -16.86
C ARG C 75 -8.00 -33.94 -16.29
N LYS C 76 -8.14 -33.77 -14.98
CA LYS C 76 -9.45 -33.74 -14.34
C LYS C 76 -10.04 -32.33 -14.28
N TYR C 77 -9.21 -31.31 -14.07
CA TYR C 77 -9.70 -29.98 -13.72
C TYR C 77 -9.30 -28.87 -14.68
N TYR C 78 -8.23 -29.04 -15.46
CA TYR C 78 -7.65 -27.93 -16.21
C TYR C 78 -8.71 -27.11 -16.95
N GLN C 79 -9.48 -27.77 -17.82
CA GLN C 79 -10.34 -27.03 -18.74
C GLN C 79 -11.61 -26.50 -18.08
N GLU C 80 -11.77 -26.67 -16.77
CA GLU C 80 -12.79 -25.95 -16.01
C GLU C 80 -12.21 -24.91 -15.06
N GLU C 81 -10.92 -24.98 -14.79
CA GLU C 81 -10.28 -24.01 -13.89
C GLU C 81 -10.44 -22.59 -14.46
N PRO C 82 -11.00 -21.65 -13.70
CA PRO C 82 -11.10 -20.27 -14.22
C PRO C 82 -9.76 -19.68 -14.64
N GLU C 83 -8.72 -19.85 -13.82
CA GLU C 83 -7.44 -19.25 -14.15
C GLU C 83 -6.82 -19.87 -15.40
N ALA C 84 -7.23 -21.09 -15.77
CA ALA C 84 -6.72 -21.70 -17.00
C ALA C 84 -7.15 -20.91 -18.23
N ARG C 85 -8.24 -20.16 -18.16
CA ARG C 85 -8.65 -19.33 -19.28
C ARG C 85 -7.55 -18.36 -19.68
N LEU C 86 -6.74 -17.92 -18.71
CA LEU C 86 -5.67 -16.97 -18.97
C LEU C 86 -4.43 -17.63 -19.57
N VAL C 87 -4.37 -18.96 -19.58
CA VAL C 87 -3.24 -19.65 -20.22
C VAL C 87 -3.45 -19.68 -21.73
N GLY C 88 -4.66 -20.02 -22.18
CA GLY C 88 -4.95 -20.11 -23.59
C GLY C 88 -4.19 -21.23 -24.28
N LEU C 89 -4.32 -22.44 -23.75
CA LEU C 89 -3.65 -23.61 -24.30
C LEU C 89 -4.58 -24.81 -24.22
N SER C 90 -4.52 -25.67 -25.24
CA SER C 90 -5.20 -26.94 -25.17
C SER C 90 -4.65 -27.76 -24.00
N LEU C 91 -5.37 -28.84 -23.66
CA LEU C 91 -4.94 -29.67 -22.55
C LEU C 91 -3.59 -30.32 -22.81
N GLU C 92 -3.31 -30.67 -24.07
CA GLU C 92 -2.02 -31.28 -24.39
C GLU C 92 -0.90 -30.25 -24.40
N ASP C 93 -1.12 -29.11 -25.07
CA ASP C 93 -0.10 -28.07 -25.11
C ASP C 93 0.25 -27.61 -23.70
N TYR C 94 -0.74 -27.50 -22.82
CA TYR C 94 -0.46 -27.11 -21.44
C TYR C 94 0.42 -28.15 -20.75
N LEU C 95 0.04 -29.43 -20.83
CA LEU C 95 0.80 -30.48 -20.16
C LEU C 95 2.24 -30.51 -20.64
N LYS C 96 2.45 -30.29 -21.95
CA LYS C 96 3.80 -30.31 -22.48
C LYS C 96 4.64 -29.19 -21.88
N ARG C 97 4.13 -27.96 -21.92
CA ARG C 97 4.82 -26.84 -21.31
C ARG C 97 4.98 -27.05 -19.81
N MET C 98 3.91 -27.49 -19.14
CA MET C 98 3.95 -27.65 -17.70
C MET C 98 4.99 -28.68 -17.28
N LEU C 99 5.10 -29.78 -18.02
CA LEU C 99 6.03 -30.84 -17.67
C LEU C 99 7.45 -30.58 -18.14
N SER C 100 7.66 -29.60 -19.02
CA SER C 100 9.01 -29.24 -19.42
C SER C 100 9.81 -28.79 -18.20
N ASP C 101 11.08 -29.16 -18.17
CA ASP C 101 11.90 -28.88 -17.01
C ASP C 101 12.12 -27.37 -16.85
N ASN C 102 12.19 -26.93 -15.60
CA ASN C 102 12.47 -25.54 -15.26
C ASN C 102 11.32 -24.62 -15.65
N GLU C 103 10.10 -25.15 -15.70
CA GLU C 103 8.91 -24.37 -16.00
C GLU C 103 8.24 -23.96 -14.69
N TRP C 104 8.08 -22.67 -14.48
CA TRP C 104 7.56 -22.17 -13.21
C TRP C 104 6.15 -22.66 -12.96
N GLY C 105 5.82 -22.87 -11.69
CA GLY C 105 4.45 -23.11 -11.29
C GLY C 105 3.70 -21.80 -11.08
N SER C 106 2.42 -21.92 -10.77
CA SER C 106 1.59 -20.73 -10.60
C SER C 106 0.35 -21.10 -9.79
N THR C 107 -0.50 -20.10 -9.55
CA THR C 107 -1.71 -20.32 -8.77
C THR C 107 -2.66 -21.29 -9.46
N LEU C 108 -2.61 -21.38 -10.79
CA LEU C 108 -3.41 -22.38 -11.49
C LEU C 108 -3.05 -23.78 -11.02
N GLU C 109 -1.75 -24.11 -11.04
CA GLU C 109 -1.31 -25.42 -10.59
C GLU C 109 -1.72 -25.67 -9.14
N ALA C 110 -1.71 -24.62 -8.31
CA ALA C 110 -2.09 -24.78 -6.92
C ALA C 110 -3.57 -25.10 -6.78
N SER C 111 -4.41 -24.51 -7.63
CA SER C 111 -5.84 -24.78 -7.58
C SER C 111 -6.13 -26.25 -7.87
N MET C 112 -5.51 -26.78 -8.93
CA MET C 112 -5.76 -28.16 -9.32
C MET C 112 -5.14 -29.14 -8.34
N LEU C 113 -3.93 -28.84 -7.84
CA LEU C 113 -3.26 -29.73 -6.90
C LEU C 113 -4.05 -29.83 -5.59
N ALA C 114 -4.66 -28.74 -5.15
CA ALA C 114 -5.44 -28.78 -3.91
C ALA C 114 -6.61 -29.75 -4.03
N LYS C 115 -7.21 -29.83 -5.21
CA LYS C 115 -8.28 -30.80 -5.43
C LYS C 115 -7.72 -32.22 -5.55
N GLU C 116 -6.66 -32.38 -6.34
CA GLU C 116 -6.10 -33.70 -6.58
C GLU C 116 -5.59 -34.32 -5.28
N MET C 117 -4.78 -33.58 -4.54
CA MET C 117 -4.18 -34.11 -3.32
C MET C 117 -5.10 -33.99 -2.11
N GLY C 118 -6.26 -33.33 -2.26
CA GLY C 118 -7.18 -33.20 -1.14
C GLY C 118 -6.61 -32.42 0.03
N ILE C 119 -5.89 -31.32 -0.27
CA ILE C 119 -5.32 -30.46 0.76
C ILE C 119 -5.72 -29.03 0.47
N THR C 120 -5.49 -28.16 1.45
CA THR C 120 -5.64 -26.72 1.27
C THR C 120 -4.26 -26.10 1.08
N ILE C 121 -4.10 -25.35 -0.01
CA ILE C 121 -2.85 -24.66 -0.31
C ILE C 121 -3.06 -23.16 -0.08
N ILE C 122 -2.15 -22.53 0.65
CA ILE C 122 -2.16 -21.09 0.86
C ILE C 122 -0.86 -20.53 0.29
N ILE C 123 -0.99 -19.52 -0.55
CA ILE C 123 0.15 -18.79 -1.09
C ILE C 123 0.17 -17.41 -0.45
N TRP C 124 1.19 -17.13 0.34
CA TRP C 124 1.40 -15.82 0.93
C TRP C 124 2.37 -15.02 0.06
N THR C 125 1.96 -13.82 -0.34
CA THR C 125 2.78 -12.95 -1.16
C THR C 125 3.35 -11.83 -0.30
N VAL C 126 4.64 -11.55 -0.47
CA VAL C 126 5.35 -10.60 0.38
C VAL C 126 6.13 -9.62 -0.51
N ALA C 127 6.50 -8.49 0.11
CA ALA C 127 7.27 -7.44 -0.56
C ALA C 127 8.76 -7.72 -0.40
N ALA C 128 9.59 -6.68 -0.49
CA ALA C 128 11.03 -6.87 -0.30
C ALA C 128 11.41 -6.99 1.17
N SER C 129 10.62 -6.41 2.07
CA SER C 129 10.56 -6.90 3.43
C SER C 129 9.97 -8.30 3.35
N ASP C 130 9.78 -8.97 4.47
CA ASP C 130 8.98 -10.20 4.49
C ASP C 130 7.61 -9.94 5.11
N GLU C 131 7.11 -8.72 4.94
CA GLU C 131 5.78 -8.37 5.38
C GLU C 131 4.74 -8.88 4.39
N VAL C 132 3.70 -9.53 4.91
CA VAL C 132 2.71 -10.15 4.04
C VAL C 132 1.81 -9.09 3.45
N GLU C 133 1.71 -9.09 2.11
CA GLU C 133 0.80 -8.21 1.40
C GLU C 133 -0.59 -8.82 1.28
N ALA C 134 -0.66 -10.10 0.91
CA ALA C 134 -1.94 -10.76 0.70
C ALA C 134 -1.73 -12.27 0.78
N GLY C 135 -2.83 -13.00 0.77
CA GLY C 135 -2.81 -14.45 0.72
C GLY C 135 -3.97 -14.98 -0.10
N ILE C 136 -3.71 -16.06 -0.84
CA ILE C 136 -4.74 -16.71 -1.67
C ILE C 136 -4.82 -18.16 -1.21
N LYS C 137 -6.01 -18.58 -0.79
CA LYS C 137 -6.23 -19.90 -0.23
C LYS C 137 -7.01 -20.74 -1.22
N PHE C 138 -6.48 -21.92 -1.54
CA PHE C 138 -7.15 -22.91 -2.37
C PHE C 138 -7.55 -24.07 -1.48
N GLY C 139 -8.85 -24.20 -1.24
CA GLY C 139 -9.37 -25.21 -0.32
C GLY C 139 -10.10 -24.58 0.84
N ASP C 140 -10.94 -25.36 1.51
CA ASP C 140 -11.77 -24.86 2.61
C ASP C 140 -11.08 -24.90 3.96
N GLY C 141 -9.93 -25.57 4.07
CA GLY C 141 -9.25 -25.68 5.34
C GLY C 141 -8.72 -24.34 5.82
N ASP C 142 -7.99 -24.40 6.93
CA ASP C 142 -7.43 -23.23 7.57
C ASP C 142 -5.90 -23.27 7.47
N VAL C 143 -5.25 -22.31 8.13
CA VAL C 143 -3.80 -22.15 7.98
C VAL C 143 -3.06 -23.26 8.71
N PHE C 144 -3.59 -23.76 9.82
CA PHE C 144 -2.89 -24.77 10.60
C PHE C 144 -2.81 -26.12 9.88
N THR C 145 -3.72 -26.38 8.95
CA THR C 145 -3.72 -27.63 8.19
C THR C 145 -3.27 -27.46 6.74
N ALA C 146 -3.10 -26.23 6.28
CA ALA C 146 -2.83 -25.98 4.87
C ALA C 146 -1.36 -26.19 4.55
N VAL C 147 -1.08 -26.24 3.25
CA VAL C 147 0.29 -26.19 2.73
C VAL C 147 0.59 -24.72 2.44
N ASN C 148 1.45 -24.11 3.25
CA ASN C 148 1.73 -22.68 3.16
C ASN C 148 2.95 -22.45 2.29
N LEU C 149 2.79 -21.63 1.25
CA LEU C 149 3.87 -21.28 0.34
C LEU C 149 4.14 -19.78 0.42
N LEU C 150 5.41 -19.41 0.34
CA LEU C 150 5.83 -18.01 0.31
C LEU C 150 6.18 -17.62 -1.12
N HIS C 151 5.48 -16.63 -1.65
CA HIS C 151 5.73 -16.11 -2.98
C HIS C 151 6.44 -14.77 -2.86
N SER C 152 7.60 -14.65 -3.50
CA SER C 152 8.40 -13.44 -3.44
C SER C 152 8.92 -13.11 -4.83
N GLY C 153 9.12 -11.81 -5.07
CA GLY C 153 9.59 -11.37 -6.38
C GLY C 153 8.58 -11.69 -7.46
N GLN C 154 9.09 -12.17 -8.60
CA GLN C 154 8.24 -12.47 -9.75
C GLN C 154 7.73 -13.91 -9.70
N THR C 155 8.64 -14.88 -9.72
CA THR C 155 8.27 -16.28 -9.84
C THR C 155 9.19 -17.15 -9.00
N HIS C 156 9.32 -16.82 -7.71
CA HIS C 156 10.05 -17.66 -6.77
C HIS C 156 9.12 -18.06 -5.63
N PHE C 157 9.11 -19.36 -5.32
CA PHE C 157 8.32 -19.90 -4.23
C PHE C 157 9.25 -20.56 -3.22
N ASP C 158 8.90 -20.40 -1.94
CA ASP C 158 9.58 -21.13 -0.87
C ASP C 158 8.53 -21.79 0.01
N ALA C 159 8.97 -22.79 0.77
CA ALA C 159 8.08 -23.52 1.66
C ALA C 159 8.00 -22.81 3.01
N LEU C 160 6.81 -22.76 3.57
CA LEU C 160 6.58 -22.18 4.89
C LEU C 160 6.13 -23.27 5.84
N ARG C 161 6.63 -23.22 7.07
CA ARG C 161 6.31 -24.20 8.11
C ARG C 161 5.92 -23.44 9.37
N ILE C 162 4.73 -23.71 9.90
CA ILE C 162 4.26 -22.98 11.07
C ILE C 162 5.15 -23.31 12.25
N LEU C 163 5.63 -22.27 12.93
CA LEU C 163 6.54 -22.47 14.06
C LEU C 163 5.89 -23.38 15.09
N PRO C 164 6.68 -24.19 15.81
CA PRO C 164 6.09 -25.13 16.77
C PRO C 164 5.21 -24.46 17.81
N GLN C 165 5.50 -23.21 18.16
CA GLN C 165 4.78 -22.49 19.20
C GLN C 165 3.34 -22.14 18.83
N PHE C 166 2.85 -22.61 17.69
CA PHE C 166 1.48 -22.30 17.26
C PHE C 166 0.77 -23.55 16.76
N MET D 28 -20.33 5.58 -15.61
CA MET D 28 -20.56 5.20 -14.18
C MET D 28 -19.25 4.83 -13.50
N GLN D 29 -19.33 4.50 -12.21
CA GLN D 29 -18.16 4.18 -11.40
C GLN D 29 -18.31 2.78 -10.81
N ILE D 30 -17.20 2.02 -10.85
CA ILE D 30 -17.13 0.72 -10.18
C ILE D 30 -15.83 0.66 -9.39
N PHE D 31 -15.85 -0.13 -8.32
CA PHE D 31 -14.70 -0.26 -7.42
C PHE D 31 -14.12 -1.66 -7.57
N VAL D 32 -12.80 -1.73 -7.72
CA VAL D 32 -12.08 -2.99 -7.86
C VAL D 32 -11.11 -3.10 -6.69
N LYS D 33 -11.37 -4.05 -5.79
CA LYS D 33 -10.50 -4.31 -4.65
C LYS D 33 -9.35 -5.20 -5.13
N THR D 34 -8.13 -4.66 -5.10
CA THR D 34 -6.98 -5.40 -5.58
C THR D 34 -6.63 -6.53 -4.61
N LEU D 35 -5.68 -7.37 -5.03
CA LEU D 35 -5.22 -8.46 -4.17
C LEU D 35 -4.62 -7.95 -2.87
N LYS D 36 -4.14 -6.70 -2.84
CA LYS D 36 -3.52 -6.13 -1.66
C LYS D 36 -4.51 -5.40 -0.76
N GLY D 37 -5.75 -5.21 -1.20
CA GLY D 37 -6.72 -4.45 -0.44
C GLY D 37 -6.90 -3.02 -0.89
N HIS D 38 -6.11 -2.56 -1.86
CA HIS D 38 -6.31 -1.25 -2.43
C HIS D 38 -7.59 -1.23 -3.26
N VAL D 39 -8.27 -0.09 -3.26
CA VAL D 39 -9.52 0.10 -3.98
C VAL D 39 -9.28 1.14 -5.07
N ILE D 40 -9.26 0.70 -6.33
CA ILE D 40 -9.14 1.59 -7.46
C ILE D 40 -10.53 1.85 -8.01
N THR D 41 -10.81 3.11 -8.33
CA THR D 41 -12.09 3.50 -8.91
C THR D 41 -11.93 3.66 -10.41
N LEU D 42 -12.84 3.05 -11.17
CA LEU D 42 -12.82 3.10 -12.61
C LEU D 42 -14.07 3.79 -13.13
N GLU D 43 -13.90 4.58 -14.19
CA GLU D 43 -15.02 5.21 -14.88
C GLU D 43 -15.29 4.39 -16.14
N VAL D 44 -16.38 3.63 -16.13
CA VAL D 44 -16.66 2.64 -17.16
C VAL D 44 -18.07 2.82 -17.71
N GLU D 45 -18.30 2.23 -18.87
CA GLU D 45 -19.59 2.20 -19.52
C GLU D 45 -20.05 0.76 -19.66
N PRO D 46 -21.35 0.46 -19.46
CA PRO D 46 -21.80 -0.93 -19.60
C PRO D 46 -21.36 -1.59 -20.90
N SER D 47 -21.15 -0.80 -21.96
CA SER D 47 -20.66 -1.34 -23.21
C SER D 47 -19.21 -1.82 -23.10
N ASP D 48 -18.49 -1.41 -22.06
CA ASP D 48 -17.08 -1.79 -21.93
C ASP D 48 -16.94 -3.30 -21.82
N THR D 49 -15.96 -3.84 -22.52
CA THR D 49 -15.65 -5.26 -22.41
C THR D 49 -14.76 -5.51 -21.20
N ILE D 50 -14.75 -6.76 -20.74
CA ILE D 50 -13.87 -7.13 -19.64
C ILE D 50 -12.43 -6.78 -19.98
N GLU D 51 -12.01 -7.03 -21.22
CA GLU D 51 -10.66 -6.70 -21.63
C GLU D 51 -10.43 -5.19 -21.73
N ASN D 52 -11.50 -4.40 -21.81
CA ASN D 52 -11.35 -2.95 -21.73
C ASN D 52 -11.09 -2.50 -20.29
N VAL D 53 -11.87 -3.03 -19.35
CA VAL D 53 -11.65 -2.72 -17.94
C VAL D 53 -10.25 -3.16 -17.54
N LYS D 54 -9.78 -4.29 -18.08
CA LYS D 54 -8.43 -4.74 -17.76
C LYS D 54 -7.39 -3.72 -18.18
N ALA D 55 -7.57 -3.10 -19.36
CA ALA D 55 -6.63 -2.08 -19.80
C ALA D 55 -6.71 -0.85 -18.91
N LYS D 56 -7.91 -0.48 -18.48
CA LYS D 56 -8.06 0.63 -17.54
C LYS D 56 -7.29 0.35 -16.25
N ILE D 57 -7.33 -0.89 -15.78
CA ILE D 57 -6.63 -1.25 -14.55
C ILE D 57 -5.13 -1.10 -14.74
N GLN D 58 -4.62 -1.52 -15.92
CA GLN D 58 -3.19 -1.39 -16.17
C GLN D 58 -2.76 0.07 -16.24
N ASP D 59 -3.55 0.91 -16.93
CA ASP D 59 -3.19 2.32 -17.07
C ASP D 59 -2.96 2.98 -15.72
N LYS D 60 -3.60 2.47 -14.66
CA LYS D 60 -3.53 3.10 -13.35
C LYS D 60 -2.69 2.31 -12.36
N GLU D 61 -2.50 1.00 -12.57
CA GLU D 61 -1.72 0.17 -11.67
C GLU D 61 -0.46 -0.41 -12.30
N GLY D 62 -0.39 -0.51 -13.62
CA GLY D 62 0.72 -1.19 -14.26
C GLY D 62 0.63 -2.69 -14.20
N ILE D 63 -0.57 -3.24 -14.05
CA ILE D 63 -0.78 -4.68 -13.96
C ILE D 63 -1.15 -5.19 -15.36
N PRO D 64 -0.31 -5.98 -16.02
CA PRO D 64 -0.62 -6.43 -17.36
C PRO D 64 -1.90 -7.26 -17.37
N PRO D 65 -2.74 -7.12 -18.41
CA PRO D 65 -4.05 -7.81 -18.38
C PRO D 65 -3.94 -9.32 -18.31
N ASP D 66 -2.88 -9.91 -18.86
CA ASP D 66 -2.74 -11.36 -18.85
C ASP D 66 -2.54 -11.94 -17.46
N GLN D 67 -2.41 -11.09 -16.43
CA GLN D 67 -2.26 -11.54 -15.06
C GLN D 67 -3.48 -11.22 -14.21
N GLN D 68 -4.51 -10.60 -14.78
CA GLN D 68 -5.66 -10.12 -14.02
C GLN D 68 -6.78 -11.14 -14.04
N ARG D 69 -7.29 -11.49 -12.86
CA ARG D 69 -8.50 -12.29 -12.71
C ARG D 69 -9.56 -11.38 -12.08
N LEU D 70 -10.44 -10.84 -12.92
CA LEU D 70 -11.54 -10.01 -12.44
C LEU D 70 -12.71 -10.88 -12.03
N ILE D 71 -13.21 -10.67 -10.81
CA ILE D 71 -14.20 -11.54 -10.21
C ILE D 71 -15.37 -10.69 -9.72
N PHE D 72 -16.58 -11.10 -10.05
CA PHE D 72 -17.79 -10.44 -9.56
C PHE D 72 -18.89 -11.49 -9.41
N ALA D 73 -19.55 -11.48 -8.25
CA ALA D 73 -20.67 -12.39 -7.99
C ALA D 73 -20.23 -13.84 -8.10
N LEU D 74 -19.07 -14.15 -7.50
CA LEU D 74 -18.55 -15.52 -7.44
C LEU D 74 -18.31 -16.09 -8.83
N GLN D 75 -17.96 -15.24 -9.77
CA GLN D 75 -17.64 -15.65 -11.13
C GLN D 75 -16.42 -14.88 -11.61
N GLN D 76 -15.53 -15.56 -12.32
CA GLN D 76 -14.40 -14.91 -12.98
C GLN D 76 -14.85 -14.47 -14.37
N LEU D 77 -14.88 -13.15 -14.59
CA LEU D 77 -15.38 -12.61 -15.84
C LEU D 77 -14.43 -12.96 -16.98
N GLU D 78 -14.97 -12.96 -18.20
CA GLU D 78 -14.25 -13.44 -19.37
C GLU D 78 -13.99 -12.30 -20.35
N ASP D 79 -12.89 -12.44 -21.11
CA ASP D 79 -12.33 -11.32 -21.85
C ASP D 79 -13.27 -10.77 -22.92
N GLY D 80 -14.24 -11.55 -23.39
CA GLY D 80 -15.08 -11.13 -24.49
C GLY D 80 -16.35 -10.42 -24.08
N ARG D 81 -16.87 -10.78 -22.91
CA ARG D 81 -18.15 -10.22 -22.44
C ARG D 81 -17.99 -8.74 -22.12
N THR D 82 -19.09 -8.14 -21.66
CA THR D 82 -19.13 -6.74 -21.25
C THR D 82 -19.69 -6.64 -19.84
N LEU D 83 -19.55 -5.46 -19.24
CA LEU D 83 -20.08 -5.25 -17.90
C LEU D 83 -21.59 -5.46 -17.89
N SER D 84 -22.30 -5.05 -18.95
CA SER D 84 -23.73 -5.26 -19.00
C SER D 84 -24.09 -6.73 -19.12
N ASP D 85 -23.25 -7.52 -19.78
CA ASP D 85 -23.47 -8.97 -19.83
C ASP D 85 -23.59 -9.55 -18.43
N TYR D 86 -22.67 -9.17 -17.54
CA TYR D 86 -22.71 -9.61 -16.15
C TYR D 86 -23.61 -8.74 -15.29
N ASN D 87 -24.30 -7.77 -15.89
CA ASN D 87 -25.25 -6.92 -15.16
C ASN D 87 -24.56 -6.17 -14.01
N ILE D 88 -23.31 -5.77 -14.24
CA ILE D 88 -22.56 -5.00 -13.26
C ILE D 88 -23.15 -3.59 -13.21
N GLN D 89 -23.75 -3.24 -12.08
CA GLN D 89 -24.52 -2.01 -11.94
C GLN D 89 -23.60 -0.85 -11.58
N LYS D 90 -24.16 0.23 -11.03
CA LYS D 90 -23.39 1.37 -10.59
C LYS D 90 -22.74 1.08 -9.23
N GLU D 91 -21.48 1.49 -9.09
CA GLU D 91 -20.74 1.34 -7.84
C GLU D 91 -20.67 -0.11 -7.39
N SER D 92 -20.67 -1.04 -8.34
CA SER D 92 -20.49 -2.45 -8.01
C SER D 92 -19.07 -2.70 -7.52
N ASN D 93 -18.94 -3.52 -6.49
CA ASN D 93 -17.64 -3.86 -5.93
C ASN D 93 -17.12 -5.15 -6.59
N LEU D 94 -16.00 -5.04 -7.28
CA LEU D 94 -15.36 -6.17 -7.93
C LEU D 94 -14.10 -6.55 -7.17
N HIS D 95 -13.60 -7.75 -7.45
CA HIS D 95 -12.34 -8.25 -6.90
C HIS D 95 -11.34 -8.46 -8.03
N LEU D 96 -10.11 -8.04 -7.79
CA LEU D 96 -9.01 -8.28 -8.71
C LEU D 96 -8.02 -9.23 -8.03
N VAL D 97 -7.96 -10.46 -8.52
CA VAL D 97 -7.01 -11.44 -8.06
C VAL D 97 -5.97 -11.64 -9.15
N LEU D 98 -4.71 -11.76 -8.76
CA LEU D 98 -3.61 -11.84 -9.71
C LEU D 98 -3.15 -13.27 -9.91
N ARG D 99 -2.74 -13.56 -11.13
CA ARG D 99 -2.03 -14.80 -11.44
C ARG D 99 -0.62 -14.69 -10.90
N LEU D 100 -0.30 -15.51 -9.90
CA LEU D 100 1.02 -15.50 -9.26
C LEU D 100 1.84 -16.67 -9.82
N GLY D 101 3.01 -16.36 -10.36
CA GLY D 101 3.88 -17.36 -10.93
C GLY D 101 3.73 -17.48 -12.43
N GLY D 102 4.58 -18.32 -13.01
CA GLY D 102 4.55 -18.56 -14.44
C GLY D 102 5.23 -17.47 -15.26
#